data_7N13
#
_entry.id   7N13
#
_cell.length_a   59.607
_cell.length_b   67.835
_cell.length_c   79.061
_cell.angle_alpha   90.000
_cell.angle_beta   90.000
_cell.angle_gamma   90.000
#
_symmetry.space_group_name_H-M   'P 21 21 21'
#
loop_
_entity.id
_entity.type
_entity.pdbx_description
1 polymer '7,8-dihydro-8-oxoguanine triphosphatase'
2 non-polymer 4-anilino-6-[4-(butylcarbamoyl)-3-fluorophenyl]-N-cyclopropyl-7-fluoroquinoline-3-carboxamide
3 non-polymer 'SULFATE ION'
4 water water
#
_entity_poly.entity_id   1
_entity_poly.type   'polypeptide(L)'
_entity_poly.pdbx_seq_one_letter_code
;GSMGASRLYTLVLVLQPQRVLLGMKKRGFGAGRWNGFGGKVQEGETIEDGARRELQEESGLTVDALHKVGQIVFEFVGEP
ELMDVHVFCTDSIQGTPVESDEMRPCWFQLDQIPFKDMWPDDSYWFPLLLQKKKFHGYFKFQGQDTILDYTLREVDTV
;
_entity_poly.pdbx_strand_id   A,B
#
# COMPACT_ATOMS: atom_id res chain seq x y z
N GLY A 4 5.51 -9.05 19.95
CA GLY A 4 4.11 -9.49 20.27
C GLY A 4 3.14 -8.34 20.50
N ALA A 5 3.53 -7.08 20.21
CA ALA A 5 2.78 -5.87 20.59
C ALA A 5 1.70 -5.56 19.54
N SER A 6 0.72 -6.46 19.41
CA SER A 6 -0.50 -6.28 18.59
C SER A 6 -1.69 -6.86 19.35
N ARG A 7 -2.88 -6.29 19.13
CA ARG A 7 -4.14 -6.74 19.77
C ARG A 7 -5.10 -7.10 18.64
N LEU A 8 -5.79 -8.23 18.76
CA LEU A 8 -6.78 -8.71 17.76
C LEU A 8 -8.10 -7.93 17.88
N TYR A 9 -8.58 -7.46 16.75
CA TYR A 9 -9.94 -6.87 16.59
C TYR A 9 -10.63 -7.50 15.38
N THR A 10 -11.95 -7.36 15.34
CA THR A 10 -12.79 -7.74 14.20
C THR A 10 -13.56 -6.53 13.69
N LEU A 11 -13.95 -6.60 12.42
CA LEU A 11 -14.83 -5.60 11.80
C LEU A 11 -15.68 -6.32 10.75
N VAL A 12 -17.00 -6.20 10.86
CA VAL A 12 -17.95 -6.93 9.99
C VAL A 12 -18.72 -5.94 9.11
N LEU A 13 -18.72 -6.18 7.82
CA LEU A 13 -19.57 -5.45 6.85
C LEU A 13 -20.67 -6.39 6.37
N VAL A 14 -21.94 -5.99 6.53
CA VAL A 14 -23.09 -6.66 5.86
C VAL A 14 -23.24 -6.03 4.48
N LEU A 15 -22.80 -6.74 3.44
CA LEU A 15 -22.80 -6.23 2.05
C LEU A 15 -23.77 -7.07 1.22
N GLN A 16 -24.86 -6.43 0.80
CA GLN A 16 -25.89 -7.05 -0.07
C GLN A 16 -25.69 -6.50 -1.47
N PRO A 17 -26.34 -7.07 -2.50
CA PRO A 17 -26.08 -6.68 -3.88
C PRO A 17 -26.20 -5.17 -4.15
N GLN A 18 -27.09 -4.46 -3.46
CA GLN A 18 -27.33 -3.03 -3.79
C GLN A 18 -27.25 -2.15 -2.54
N ARG A 19 -26.80 -2.69 -1.39
CA ARG A 19 -26.71 -1.88 -0.16
C ARG A 19 -25.72 -2.48 0.83
N VAL A 20 -25.23 -1.61 1.71
CA VAL A 20 -24.32 -2.03 2.81
C VAL A 20 -24.85 -1.47 4.13
N LEU A 21 -24.73 -2.25 5.20
CA LEU A 21 -25.16 -1.81 6.54
C LEU A 21 -23.98 -1.15 7.27
N LEU A 22 -24.18 0.06 7.77
CA LEU A 22 -23.22 0.70 8.71
C LEU A 22 -23.97 1.12 9.97
N GLY A 23 -23.23 1.45 11.00
CA GLY A 23 -23.82 1.94 12.26
C GLY A 23 -23.19 3.24 12.68
N MET A 24 -24.02 4.20 13.05
CA MET A 24 -23.52 5.48 13.61
C MET A 24 -23.11 5.19 15.05
N LYS A 25 -21.83 5.41 15.36
CA LYS A 25 -21.26 5.05 16.68
C LYS A 25 -21.61 6.17 17.66
N LYS A 26 -22.26 5.79 18.75
CA LYS A 26 -22.92 6.71 19.71
C LYS A 26 -21.98 7.01 20.89
N ARG A 27 -21.06 6.12 21.24
CA ARG A 27 -20.07 6.35 22.32
C ARG A 27 -18.73 5.70 21.94
N GLY A 28 -17.67 6.07 22.66
CA GLY A 28 -16.33 5.44 22.58
C GLY A 28 -15.57 5.89 21.35
N PHE A 29 -14.55 5.12 20.95
CA PHE A 29 -13.69 5.39 19.77
C PHE A 29 -14.58 5.44 18.53
N GLY A 30 -14.36 6.44 17.67
CA GLY A 30 -15.03 6.58 16.36
C GLY A 30 -16.44 7.11 16.49
N ALA A 31 -16.81 7.64 17.67
CA ALA A 31 -18.16 8.20 17.90
C ALA A 31 -18.40 9.34 16.91
N GLY A 32 -19.58 9.36 16.30
CA GLY A 32 -19.98 10.36 15.29
C GLY A 32 -19.63 9.90 13.88
N ARG A 33 -19.02 8.72 13.72
CA ARG A 33 -18.75 8.14 12.38
C ARG A 33 -19.60 6.89 12.16
N TRP A 34 -19.94 6.67 10.89
CA TRP A 34 -20.51 5.40 10.40
C TRP A 34 -19.40 4.35 10.40
N ASN A 35 -19.57 3.32 11.22
CA ASN A 35 -18.61 2.21 11.40
C ASN A 35 -19.24 0.91 10.88
N GLY A 36 -18.40 -0.07 10.56
CA GLY A 36 -18.81 -1.48 10.60
C GLY A 36 -18.97 -1.94 12.03
N PHE A 37 -19.35 -3.19 12.22
CA PHE A 37 -19.64 -3.80 13.55
C PHE A 37 -18.41 -4.59 13.95
N GLY A 38 -17.81 -4.26 15.09
CA GLY A 38 -16.63 -5.02 15.53
C GLY A 38 -16.15 -4.54 16.88
N GLY A 39 -14.99 -5.07 17.26
CA GLY A 39 -14.37 -4.71 18.54
C GLY A 39 -13.28 -5.69 18.87
N LYS A 40 -12.81 -5.66 20.11
CA LYS A 40 -11.68 -6.50 20.60
C LYS A 40 -12.14 -7.96 20.62
N VAL A 41 -11.25 -8.86 20.19
CA VAL A 41 -11.41 -10.33 20.36
C VAL A 41 -11.07 -10.69 21.80
N GLN A 42 -11.90 -11.53 22.39
CA GLN A 42 -11.79 -11.89 23.82
C GLN A 42 -11.01 -13.19 23.97
N GLU A 43 -10.51 -13.41 25.18
CA GLU A 43 -9.95 -14.71 25.61
C GLU A 43 -11.05 -15.76 25.45
N GLY A 44 -10.70 -16.88 24.83
CA GLY A 44 -11.55 -18.08 24.79
C GLY A 44 -12.52 -18.09 23.63
N GLU A 45 -12.41 -17.14 22.70
CA GLU A 45 -13.20 -17.18 21.45
C GLU A 45 -12.24 -17.11 20.26
N THR A 46 -12.61 -17.75 19.15
CA THR A 46 -11.93 -17.58 17.85
C THR A 46 -12.17 -16.14 17.34
N ILE A 47 -11.35 -15.69 16.40
CA ILE A 47 -11.55 -14.37 15.75
C ILE A 47 -12.95 -14.34 15.12
N GLU A 48 -13.34 -15.37 14.37
CA GLU A 48 -14.65 -15.36 13.66
C GLU A 48 -15.78 -15.37 14.69
N ASP A 49 -15.62 -16.07 15.83
CA ASP A 49 -16.69 -16.04 16.86
C ASP A 49 -16.75 -14.65 17.52
N GLY A 50 -15.62 -14.00 17.75
CA GLY A 50 -15.59 -12.59 18.19
C GLY A 50 -16.34 -11.68 17.23
N ALA A 51 -16.11 -11.85 15.92
CA ALA A 51 -16.81 -11.08 14.85
C ALA A 51 -18.32 -11.26 15.01
N ARG A 52 -18.78 -12.52 15.13
CA ARG A 52 -20.22 -12.82 15.27
C ARG A 52 -20.75 -12.18 16.55
N ARG A 53 -20.00 -12.28 17.65
CA ARG A 53 -20.44 -11.77 18.98
C ARG A 53 -20.61 -10.25 18.87
N GLU A 54 -19.65 -9.55 18.23
CA GLU A 54 -19.70 -8.07 18.09
C GLU A 54 -20.91 -7.69 17.24
N LEU A 55 -21.14 -8.40 16.14
CA LEU A 55 -22.27 -8.09 15.24
C LEU A 55 -23.59 -8.24 16.02
N GLN A 56 -23.73 -9.29 16.82
CA GLN A 56 -24.97 -9.56 17.58
C GLN A 56 -25.13 -8.49 18.67
N GLU A 57 -24.06 -8.14 19.39
CA GLU A 57 -24.15 -7.16 20.52
C GLU A 57 -24.54 -5.80 19.97
N GLU A 58 -24.05 -5.44 18.78
CA GLU A 58 -24.20 -4.06 18.22
C GLU A 58 -25.44 -3.92 17.33
N SER A 59 -25.99 -5.00 16.75
CA SER A 59 -27.07 -4.91 15.72
C SER A 59 -28.21 -5.90 15.98
N GLY A 60 -28.01 -6.85 16.89
CA GLY A 60 -28.91 -7.99 17.13
C GLY A 60 -28.84 -9.04 16.05
N LEU A 61 -28.05 -8.82 14.98
CA LEU A 61 -28.00 -9.74 13.82
C LEU A 61 -27.13 -10.96 14.12
N THR A 62 -27.59 -12.11 13.62
CA THR A 62 -26.80 -13.35 13.49
CA THR A 62 -26.75 -13.32 13.48
C THR A 62 -26.56 -13.60 12.00
N VAL A 63 -25.64 -14.50 11.66
CA VAL A 63 -25.26 -14.75 10.25
CA VAL A 63 -25.29 -14.77 10.23
C VAL A 63 -25.08 -16.26 10.04
N ASP A 64 -25.37 -16.75 8.84
CA ASP A 64 -25.05 -18.13 8.46
C ASP A 64 -23.52 -18.26 8.37
N ALA A 65 -22.89 -17.40 7.56
CA ALA A 65 -21.47 -17.50 7.18
C ALA A 65 -20.85 -16.10 7.19
N LEU A 66 -19.62 -16.00 7.67
CA LEU A 66 -18.77 -14.79 7.58
C LEU A 66 -17.57 -15.15 6.69
N HIS A 67 -17.21 -14.28 5.77
CA HIS A 67 -16.09 -14.49 4.81
C HIS A 67 -14.97 -13.52 5.17
N LYS A 68 -13.73 -14.02 5.27
CA LYS A 68 -12.54 -13.15 5.44
CA LYS A 68 -12.54 -13.15 5.44
C LYS A 68 -12.37 -12.29 4.19
N VAL A 69 -12.27 -10.98 4.33
CA VAL A 69 -12.04 -10.12 3.14
C VAL A 69 -10.78 -9.27 3.28
N GLY A 70 -10.26 -9.10 4.49
CA GLY A 70 -9.07 -8.25 4.63
C GLY A 70 -8.48 -8.24 6.01
N GLN A 71 -7.32 -7.62 6.10
CA GLN A 71 -6.64 -7.31 7.37
C GLN A 71 -6.20 -5.85 7.30
N ILE A 72 -6.44 -5.10 8.37
CA ILE A 72 -5.90 -3.73 8.48
C ILE A 72 -5.20 -3.61 9.82
N VAL A 73 -3.97 -3.12 9.78
CA VAL A 73 -3.19 -2.81 11.01
C VAL A 73 -3.26 -1.31 11.21
N PHE A 74 -3.73 -0.89 12.39
CA PHE A 74 -3.75 0.53 12.80
C PHE A 74 -2.67 0.76 13.87
N GLU A 75 -1.93 1.83 13.67
CA GLU A 75 -0.94 2.33 14.65
C GLU A 75 -1.38 3.73 15.04
N PHE A 76 -1.49 3.98 16.33
CA PHE A 76 -1.71 5.33 16.90
C PHE A 76 -0.43 5.73 17.62
N VAL A 77 0.05 6.92 17.28
CA VAL A 77 1.24 7.50 17.95
C VAL A 77 0.97 7.48 19.45
N GLY A 78 1.89 6.94 20.25
CA GLY A 78 1.81 6.91 21.71
C GLY A 78 1.06 5.70 22.24
N GLU A 79 0.48 4.88 21.38
CA GLU A 79 -0.21 3.63 21.79
C GLU A 79 0.71 2.43 21.53
N PRO A 80 1.05 1.65 22.57
CA PRO A 80 2.02 0.57 22.40
C PRO A 80 1.52 -0.56 21.50
N GLU A 81 0.22 -0.88 21.57
CA GLU A 81 -0.34 -2.03 20.84
C GLU A 81 -0.80 -1.57 19.45
N LEU A 82 -0.29 -2.22 18.41
CA LEU A 82 -0.90 -2.16 17.06
C LEU A 82 -2.25 -2.86 17.13
N MET A 83 -3.23 -2.35 16.38
CA MET A 83 -4.56 -2.98 16.29
CA MET A 83 -4.58 -2.95 16.28
C MET A 83 -4.62 -3.79 14.99
N ASP A 84 -4.71 -5.10 15.15
CA ASP A 84 -4.72 -6.09 14.06
C ASP A 84 -6.18 -6.43 13.77
N VAL A 85 -6.79 -5.72 12.81
CA VAL A 85 -8.24 -5.79 12.53
C VAL A 85 -8.49 -6.81 11.42
N HIS A 86 -9.17 -7.90 11.76
CA HIS A 86 -9.65 -8.92 10.79
C HIS A 86 -11.01 -8.48 10.28
N VAL A 87 -11.10 -8.20 8.99
CA VAL A 87 -12.32 -7.70 8.31
C VAL A 87 -13.07 -8.87 7.68
N PHE A 88 -14.37 -8.92 7.89
CA PHE A 88 -15.24 -9.97 7.35
C PHE A 88 -16.40 -9.33 6.61
N CYS A 89 -16.97 -10.08 5.68
N CYS A 89 -16.96 -10.08 5.67
CA CYS A 89 -18.19 -9.72 4.94
CA CYS A 89 -18.21 -9.72 4.95
C CYS A 89 -19.21 -10.85 5.08
C CYS A 89 -19.21 -10.85 5.09
N THR A 90 -20.49 -10.50 5.00
CA THR A 90 -21.62 -11.45 4.91
C THR A 90 -22.69 -10.83 4.01
N ASP A 91 -23.41 -11.66 3.27
CA ASP A 91 -24.69 -11.27 2.60
C ASP A 91 -25.84 -11.87 3.44
N SER A 92 -25.58 -13.02 4.07
CA SER A 92 -26.55 -13.98 4.66
C SER A 92 -27.06 -13.57 6.06
N ILE A 93 -27.59 -12.36 6.25
CA ILE A 93 -27.95 -11.93 7.64
C ILE A 93 -29.28 -12.57 8.08
N GLN A 94 -29.36 -12.81 9.38
CA GLN A 94 -30.51 -13.38 10.10
C GLN A 94 -31.02 -12.29 11.02
N GLY A 95 -32.24 -11.82 10.77
CA GLY A 95 -32.91 -10.83 11.62
C GLY A 95 -32.96 -9.46 10.96
N THR A 96 -33.54 -8.52 11.67
CA THR A 96 -33.66 -7.10 11.28
C THR A 96 -32.70 -6.31 12.15
N PRO A 97 -31.85 -5.43 11.58
CA PRO A 97 -30.88 -4.72 12.39
C PRO A 97 -31.66 -3.82 13.35
N VAL A 98 -31.23 -3.77 14.61
CA VAL A 98 -31.86 -2.90 15.64
C VAL A 98 -30.76 -2.08 16.32
N GLU A 99 -31.18 -0.92 16.81
CA GLU A 99 -30.32 0.07 17.49
C GLU A 99 -29.89 -0.55 18.81
N SER A 100 -28.60 -0.47 19.10
CA SER A 100 -28.00 -0.86 20.40
C SER A 100 -27.62 0.44 21.11
N ASP A 101 -27.10 0.32 22.33
CA ASP A 101 -26.50 1.44 23.10
C ASP A 101 -25.34 2.05 22.27
N GLU A 102 -24.57 1.22 21.59
CA GLU A 102 -23.31 1.67 20.92
C GLU A 102 -23.61 2.22 19.52
N MET A 103 -24.59 1.66 18.81
CA MET A 103 -24.66 1.78 17.33
C MET A 103 -26.11 1.98 16.86
N ARG A 104 -26.30 2.89 15.90
CA ARG A 104 -27.58 3.13 15.19
C ARG A 104 -27.41 2.66 13.75
N PRO A 105 -27.94 1.47 13.41
CA PRO A 105 -27.73 0.88 12.08
C PRO A 105 -28.55 1.62 11.03
N CYS A 106 -28.00 1.69 9.84
CA CYS A 106 -28.67 2.27 8.66
CA CYS A 106 -28.65 2.28 8.65
C CYS A 106 -28.11 1.61 7.39
N TRP A 107 -28.99 1.31 6.44
CA TRP A 107 -28.57 0.82 5.11
C TRP A 107 -28.16 1.99 4.23
N PHE A 108 -27.11 1.80 3.44
CA PHE A 108 -26.66 2.78 2.41
C PHE A 108 -26.60 2.12 1.04
N GLN A 109 -27.09 2.83 0.02
CA GLN A 109 -26.84 2.41 -1.38
C GLN A 109 -25.34 2.53 -1.66
N LEU A 110 -24.81 1.71 -2.56
CA LEU A 110 -23.35 1.52 -2.72
C LEU A 110 -22.72 2.73 -3.41
N ASP A 111 -23.53 3.62 -3.98
CA ASP A 111 -23.08 4.89 -4.59
C ASP A 111 -23.37 6.06 -3.64
N GLN A 112 -23.74 5.80 -2.38
CA GLN A 112 -24.08 6.87 -1.38
C GLN A 112 -23.37 6.58 -0.06
N ILE A 113 -22.15 6.09 -0.16
CA ILE A 113 -21.32 5.76 1.02
C ILE A 113 -20.97 7.08 1.69
N PRO A 114 -21.27 7.26 3.00
CA PRO A 114 -21.03 8.54 3.67
C PRO A 114 -19.58 8.78 4.10
N PHE A 115 -18.65 8.83 3.14
CA PHE A 115 -17.19 8.90 3.41
C PHE A 115 -16.85 10.10 4.28
N LYS A 116 -17.54 11.23 4.16
CA LYS A 116 -17.16 12.45 4.90
C LYS A 116 -17.45 12.26 6.39
N ASP A 117 -18.34 11.32 6.75
CA ASP A 117 -18.70 11.01 8.16
C ASP A 117 -18.21 9.59 8.50
N MET A 118 -17.10 9.17 7.89
CA MET A 118 -16.46 7.87 8.18
C MET A 118 -15.00 8.08 8.58
N TRP A 119 -14.38 7.06 9.17
CA TRP A 119 -12.93 7.04 9.42
C TRP A 119 -12.21 7.41 8.13
N PRO A 120 -11.18 8.28 8.17
CA PRO A 120 -10.52 8.72 6.94
C PRO A 120 -9.88 7.58 6.14
N ASP A 121 -9.45 6.52 6.82
CA ASP A 121 -8.82 5.35 6.17
C ASP A 121 -9.85 4.66 5.25
N ASP A 122 -11.14 4.77 5.53
CA ASP A 122 -12.20 4.06 4.75
C ASP A 122 -12.11 4.48 3.27
N SER A 123 -11.80 5.75 2.98
CA SER A 123 -11.73 6.28 1.60
C SER A 123 -10.73 5.47 0.76
N TYR A 124 -9.77 4.82 1.43
CA TYR A 124 -8.68 4.07 0.77
C TYR A 124 -9.11 2.62 0.60
N TRP A 125 -9.50 1.91 1.67
CA TRP A 125 -9.65 0.43 1.62
C TRP A 125 -11.09 0.00 1.35
N PHE A 126 -12.08 0.79 1.74
CA PHE A 126 -13.50 0.37 1.68
C PHE A 126 -13.87 0.13 0.21
N PRO A 127 -13.43 0.95 -0.76
CA PRO A 127 -13.71 0.64 -2.15
C PRO A 127 -13.24 -0.76 -2.56
N LEU A 128 -12.11 -1.24 -2.05
CA LEU A 128 -11.62 -2.61 -2.38
C LEU A 128 -12.62 -3.64 -1.84
N LEU A 129 -13.13 -3.43 -0.62
CA LEU A 129 -14.16 -4.34 -0.06
C LEU A 129 -15.37 -4.35 -0.98
N LEU A 130 -15.83 -3.17 -1.42
CA LEU A 130 -17.06 -3.06 -2.25
C LEU A 130 -16.80 -3.72 -3.61
N GLN A 131 -15.55 -3.73 -4.04
CA GLN A 131 -15.11 -4.28 -5.36
C GLN A 131 -14.80 -5.77 -5.21
N LYS A 132 -14.98 -6.33 -4.00
CA LYS A 132 -14.83 -7.77 -3.70
C LYS A 132 -13.39 -8.19 -3.99
N LYS A 133 -12.43 -7.34 -3.62
CA LYS A 133 -10.98 -7.70 -3.65
C LYS A 133 -10.49 -7.87 -2.21
N LYS A 134 -9.66 -8.87 -1.97
CA LYS A 134 -9.08 -9.10 -0.62
C LYS A 134 -7.88 -8.16 -0.48
N PHE A 135 -7.65 -7.65 0.72
CA PHE A 135 -6.71 -6.54 0.92
C PHE A 135 -5.99 -6.67 2.26
N HIS A 136 -4.79 -6.12 2.27
CA HIS A 136 -3.98 -5.89 3.50
C HIS A 136 -3.68 -4.41 3.55
N GLY A 137 -4.05 -3.78 4.67
CA GLY A 137 -3.85 -2.33 4.86
C GLY A 137 -3.07 -2.05 6.11
N TYR A 138 -2.41 -0.90 6.14
CA TYR A 138 -1.72 -0.36 7.33
C TYR A 138 -1.92 1.16 7.34
N PHE A 139 -2.40 1.68 8.45
CA PHE A 139 -2.62 3.14 8.61
C PHE A 139 -2.06 3.59 9.95
N LYS A 140 -1.22 4.60 9.91
CA LYS A 140 -0.64 5.22 11.12
C LYS A 140 -1.35 6.54 11.33
N PHE A 141 -2.00 6.67 12.48
CA PHE A 141 -2.75 7.86 12.91
C PHE A 141 -2.00 8.66 13.97
N GLN A 142 -2.18 9.97 13.91
CA GLN A 142 -1.95 10.91 15.03
CA GLN A 142 -1.95 10.91 15.03
C GLN A 142 -3.31 11.46 15.46
N GLY A 143 -3.85 10.93 16.56
CA GLY A 143 -5.25 11.20 16.95
C GLY A 143 -6.20 10.62 15.91
N GLN A 144 -7.47 11.02 15.95
CA GLN A 144 -8.58 10.28 15.28
C GLN A 144 -8.75 10.78 13.83
N ASP A 145 -8.08 11.84 13.43
CA ASP A 145 -8.41 12.55 12.16
C ASP A 145 -7.27 12.47 11.15
N THR A 146 -6.03 12.24 11.59
CA THR A 146 -4.86 12.50 10.72
C THR A 146 -4.11 11.21 10.39
N ILE A 147 -4.08 10.82 9.12
CA ILE A 147 -3.26 9.67 8.65
C ILE A 147 -1.86 10.19 8.29
N LEU A 148 -0.82 9.72 8.98
CA LEU A 148 0.57 10.17 8.74
C LEU A 148 1.21 9.33 7.63
N ASP A 149 0.96 8.02 7.65
CA ASP A 149 1.53 7.03 6.72
C ASP A 149 0.49 5.95 6.44
N TYR A 150 0.56 5.29 5.29
CA TYR A 150 -0.28 4.10 5.04
C TYR A 150 0.35 3.25 3.95
N THR A 151 -0.02 1.98 3.97
CA THR A 151 0.14 1.06 2.84
C THR A 151 -1.16 0.33 2.59
N LEU A 152 -1.35 -0.07 1.34
CA LEU A 152 -2.56 -0.80 0.94
C LEU A 152 -2.20 -1.64 -0.26
N ARG A 153 -2.53 -2.92 -0.22
CA ARG A 153 -2.42 -3.80 -1.41
C ARG A 153 -3.58 -4.78 -1.45
N GLU A 154 -3.77 -5.36 -2.63
CA GLU A 154 -4.64 -6.55 -2.80
C GLU A 154 -3.82 -7.80 -2.52
N VAL A 155 -4.47 -8.83 -1.97
CA VAL A 155 -3.82 -10.15 -1.68
C VAL A 155 -4.73 -11.25 -2.22
N ASP A 156 -4.18 -12.45 -2.43
CA ASP A 156 -4.99 -13.62 -2.83
C ASP A 156 -5.44 -14.39 -1.60
N THR A 157 -4.67 -14.35 -0.51
CA THR A 157 -5.04 -14.95 0.80
C THR A 157 -5.08 -13.87 1.87
N VAL A 158 -6.20 -13.75 2.58
CA VAL A 158 -6.33 -12.78 3.70
C VAL A 158 -5.42 -13.21 4.85
N ALA B 5 5.01 21.84 -9.78
CA ALA B 5 6.15 21.83 -8.82
C ALA B 5 6.65 20.39 -8.62
N SER B 6 6.66 19.60 -9.69
CA SER B 6 7.31 18.27 -9.77
C SER B 6 8.17 18.22 -11.03
N ARG B 7 9.23 17.42 -11.01
CA ARG B 7 10.13 17.22 -12.15
C ARG B 7 10.12 15.73 -12.51
N LEU B 8 10.04 15.42 -13.79
CA LEU B 8 9.95 14.02 -14.30
C LEU B 8 11.34 13.37 -14.24
N TYR B 9 11.37 12.20 -13.64
CA TYR B 9 12.51 11.26 -13.65
C TYR B 9 12.05 9.89 -14.09
N THR B 10 13.02 9.07 -14.49
CA THR B 10 12.85 7.63 -14.80
C THR B 10 13.75 6.81 -13.92
N LEU B 11 13.32 5.57 -13.68
CA LEU B 11 14.12 4.56 -12.95
C LEU B 11 13.81 3.19 -13.55
N VAL B 12 14.84 2.50 -14.03
CA VAL B 12 14.68 1.18 -14.71
C VAL B 12 15.27 0.08 -13.83
N LEU B 13 14.44 -0.92 -13.57
CA LEU B 13 14.81 -2.18 -12.88
C LEU B 13 14.93 -3.26 -13.94
N VAL B 14 16.15 -3.72 -14.16
CA VAL B 14 16.40 -4.92 -15.02
C VAL B 14 16.25 -6.13 -14.09
N LEU B 15 15.07 -6.73 -14.15
CA LEU B 15 14.61 -7.76 -13.19
C LEU B 15 14.32 -9.02 -13.99
N GLN B 16 15.17 -10.02 -13.77
CA GLN B 16 15.02 -11.36 -14.40
C GLN B 16 14.44 -12.31 -13.35
N PRO B 17 13.98 -13.51 -13.74
CA PRO B 17 13.37 -14.45 -12.79
C PRO B 17 14.17 -14.67 -11.51
N GLN B 18 15.50 -14.69 -11.57
CA GLN B 18 16.28 -15.06 -10.37
C GLN B 18 17.35 -14.01 -10.04
N ARG B 19 17.40 -12.88 -10.74
CA ARG B 19 18.42 -11.84 -10.42
C ARG B 19 17.97 -10.44 -10.87
N VAL B 20 18.58 -9.44 -10.26
CA VAL B 20 18.32 -8.00 -10.59
C VAL B 20 19.65 -7.31 -10.86
N LEU B 21 19.67 -6.43 -11.86
CA LEU B 21 20.86 -5.62 -12.19
C LEU B 21 20.74 -4.28 -11.49
N LEU B 22 21.76 -3.93 -10.72
CA LEU B 22 21.87 -2.58 -10.10
C LEU B 22 23.22 -2.00 -10.47
N GLY B 23 23.40 -0.70 -10.23
CA GLY B 23 24.63 0.01 -10.56
C GLY B 23 25.14 0.76 -9.35
N MET B 24 26.42 0.58 -9.02
CA MET B 24 27.07 1.36 -7.95
C MET B 24 27.35 2.76 -8.51
N LYS B 25 26.76 3.79 -7.91
CA LYS B 25 26.87 5.20 -8.37
C LYS B 25 28.15 5.83 -7.79
N LYS B 26 28.97 6.46 -8.64
CA LYS B 26 30.29 6.99 -8.18
C LYS B 26 30.12 8.42 -7.62
N ARG B 27 29.31 9.28 -8.23
CA ARG B 27 29.15 10.67 -7.69
C ARG B 27 27.71 11.16 -7.82
N GLY B 28 27.40 12.26 -7.14
CA GLY B 28 26.09 12.94 -7.18
C GLY B 28 25.10 12.29 -6.22
N PHE B 29 23.80 12.48 -6.45
CA PHE B 29 22.73 11.90 -5.59
C PHE B 29 22.85 10.39 -5.60
N GLY B 30 22.83 9.78 -4.42
CA GLY B 30 22.87 8.31 -4.23
C GLY B 30 24.27 7.73 -4.44
N ALA B 31 25.31 8.57 -4.50
CA ALA B 31 26.72 8.11 -4.58
C ALA B 31 27.00 7.11 -3.45
N GLY B 32 27.63 5.98 -3.79
CA GLY B 32 27.99 4.93 -2.81
C GLY B 32 26.85 3.96 -2.58
N ARG B 33 25.71 4.14 -3.26
CA ARG B 33 24.58 3.18 -3.21
C ARG B 33 24.42 2.48 -4.55
N TRP B 34 23.89 1.26 -4.48
CA TRP B 34 23.31 0.52 -5.61
C TRP B 34 22.00 1.20 -6.01
N ASN B 35 21.98 1.73 -7.22
CA ASN B 35 20.82 2.44 -7.81
C ASN B 35 20.29 1.60 -8.97
N GLY B 36 19.01 1.78 -9.31
CA GLY B 36 18.52 1.44 -10.66
C GLY B 36 19.05 2.45 -11.65
N PHE B 37 18.71 2.29 -12.92
CA PHE B 37 19.23 3.12 -14.03
C PHE B 37 18.19 4.17 -14.38
N GLY B 38 18.53 5.43 -14.28
CA GLY B 38 17.53 6.48 -14.48
C GLY B 38 18.14 7.84 -14.47
N GLY B 39 17.28 8.83 -14.62
CA GLY B 39 17.66 10.22 -14.43
C GLY B 39 16.55 11.12 -14.91
N LYS B 40 16.89 12.37 -15.16
CA LYS B 40 15.94 13.43 -15.58
C LYS B 40 15.42 13.09 -16.97
N VAL B 41 14.14 13.35 -17.18
CA VAL B 41 13.52 13.29 -18.53
C VAL B 41 13.78 14.63 -19.22
N GLN B 42 14.17 14.57 -20.48
CA GLN B 42 14.54 15.76 -21.27
C GLN B 42 13.32 16.29 -22.03
N GLU B 43 13.37 17.57 -22.34
CA GLU B 43 12.48 18.24 -23.31
C GLU B 43 12.59 17.51 -24.65
N GLY B 44 11.45 17.16 -25.23
CA GLY B 44 11.39 16.59 -26.57
C GLY B 44 11.53 15.08 -26.60
N GLU B 45 11.58 14.41 -25.44
CA GLU B 45 11.55 12.92 -25.41
C GLU B 45 10.38 12.47 -24.55
N THR B 46 9.78 11.32 -24.89
CA THR B 46 8.77 10.64 -24.04
C THR B 46 9.45 10.15 -22.76
N ILE B 47 8.65 9.85 -21.73
CA ILE B 47 9.20 9.33 -20.45
C ILE B 47 9.88 7.99 -20.73
N GLU B 48 9.24 7.12 -21.51
CA GLU B 48 9.83 5.78 -21.80
C GLU B 48 11.12 5.94 -22.62
N ASP B 49 11.19 6.93 -23.52
CA ASP B 49 12.44 7.11 -24.32
C ASP B 49 13.55 7.64 -23.40
N GLY B 50 13.22 8.50 -22.44
CA GLY B 50 14.19 8.94 -21.43
C GLY B 50 14.72 7.76 -20.63
N ALA B 51 13.83 6.84 -20.24
CA ALA B 51 14.22 5.63 -19.49
C ALA B 51 15.21 4.81 -20.32
N ARG B 52 14.92 4.59 -21.59
CA ARG B 52 15.81 3.80 -22.48
CA ARG B 52 15.81 3.79 -22.46
C ARG B 52 17.15 4.52 -22.64
N ARG B 53 17.11 5.83 -22.82
CA ARG B 53 18.36 6.64 -23.02
C ARG B 53 19.23 6.48 -21.77
N GLU B 54 18.63 6.63 -20.58
CA GLU B 54 19.37 6.54 -19.29
C GLU B 54 19.94 5.13 -19.13
N LEU B 55 19.14 4.10 -19.43
CA LEU B 55 19.59 2.70 -19.31
C LEU B 55 20.82 2.49 -20.20
N GLN B 56 20.79 2.97 -21.44
CA GLN B 56 21.92 2.76 -22.39
C GLN B 56 23.13 3.55 -21.89
N GLU B 57 22.94 4.79 -21.44
CA GLU B 57 24.10 5.64 -21.05
C GLU B 57 24.79 5.03 -19.83
N GLU B 58 24.00 4.49 -18.90
CA GLU B 58 24.53 4.07 -17.57
C GLU B 58 24.95 2.61 -17.57
N SER B 59 24.40 1.75 -18.44
CA SER B 59 24.66 0.29 -18.39
C SER B 59 25.12 -0.27 -19.74
N GLY B 60 25.03 0.52 -20.81
CA GLY B 60 25.29 0.04 -22.18
C GLY B 60 24.13 -0.75 -22.76
N LEU B 61 23.09 -1.05 -21.98
CA LEU B 61 22.02 -1.98 -22.43
C LEU B 61 20.97 -1.28 -23.28
N THR B 62 20.50 -1.98 -24.30
CA THR B 62 19.22 -1.72 -25.01
CA THR B 62 19.19 -1.70 -24.96
C THR B 62 18.25 -2.87 -24.71
N VAL B 63 16.95 -2.66 -24.93
CA VAL B 63 15.90 -3.65 -24.57
C VAL B 63 14.83 -3.63 -25.65
N ASP B 64 14.13 -4.74 -25.83
CA ASP B 64 12.91 -4.81 -26.69
C ASP B 64 11.82 -3.94 -26.07
N ALA B 65 11.49 -4.19 -24.79
CA ALA B 65 10.28 -3.63 -24.15
C ALA B 65 10.61 -3.20 -22.72
N LEU B 66 10.10 -2.04 -22.33
CA LEU B 66 10.06 -1.56 -20.93
C LEU B 66 8.59 -1.57 -20.51
N HIS B 67 8.32 -2.08 -19.31
CA HIS B 67 6.96 -2.16 -18.73
C HIS B 67 6.84 -1.12 -17.62
N LYS B 68 5.76 -0.35 -17.60
CA LYS B 68 5.45 0.56 -16.47
C LYS B 68 5.18 -0.29 -15.24
N VAL B 69 5.87 -0.04 -14.13
CA VAL B 69 5.58 -0.80 -12.89
C VAL B 69 5.14 0.14 -11.78
N GLY B 70 5.49 1.42 -11.82
CA GLY B 70 5.09 2.31 -10.73
C GLY B 70 5.42 3.76 -10.94
N GLN B 71 4.94 4.54 -9.98
CA GLN B 71 5.33 5.94 -9.81
C GLN B 71 5.74 6.14 -8.36
N ILE B 72 6.85 6.79 -8.13
CA ILE B 72 7.26 7.16 -6.75
C ILE B 72 7.55 8.64 -6.76
N VAL B 73 6.90 9.38 -5.87
CA VAL B 73 7.18 10.81 -5.66
C VAL B 73 8.11 10.91 -4.45
N PHE B 74 9.25 11.57 -4.63
CA PHE B 74 10.19 11.90 -3.53
C PHE B 74 10.13 13.39 -3.22
N GLU B 75 10.04 13.68 -1.93
CA GLU B 75 10.07 15.06 -1.40
C GLU B 75 11.22 15.14 -0.41
N PHE B 76 12.06 16.17 -0.51
CA PHE B 76 13.18 16.41 0.43
C PHE B 76 12.85 17.65 1.24
N VAL B 77 12.98 17.58 2.56
CA VAL B 77 12.80 18.79 3.43
C VAL B 77 13.78 19.85 2.91
N GLY B 78 13.32 21.08 2.72
CA GLY B 78 14.16 22.20 2.28
C GLY B 78 14.19 22.35 0.76
N GLU B 79 13.76 21.33 0.01
CA GLU B 79 13.77 21.38 -1.47
C GLU B 79 12.35 21.62 -1.99
N PRO B 80 12.12 22.70 -2.78
CA PRO B 80 10.77 23.00 -3.25
C PRO B 80 10.20 21.94 -4.22
N GLU B 81 11.06 21.37 -5.07
CA GLU B 81 10.65 20.58 -6.26
C GLU B 81 10.46 19.11 -5.85
N LEU B 82 9.27 18.55 -6.04
CA LEU B 82 9.04 17.09 -5.92
C LEU B 82 9.73 16.41 -7.10
N MET B 83 10.24 15.20 -6.88
CA MET B 83 10.74 14.34 -7.99
C MET B 83 9.70 13.27 -8.28
N ASP B 84 9.16 13.30 -9.50
CA ASP B 84 8.09 12.37 -9.96
C ASP B 84 8.78 11.27 -10.76
N VAL B 85 9.09 10.15 -10.12
CA VAL B 85 9.90 9.06 -10.71
C VAL B 85 8.99 8.01 -11.33
N HIS B 86 9.10 7.85 -12.64
CA HIS B 86 8.40 6.78 -13.41
C HIS B 86 9.29 5.55 -13.43
N VAL B 87 8.80 4.49 -12.80
CA VAL B 87 9.57 3.23 -12.62
C VAL B 87 9.14 2.24 -13.70
N PHE B 88 10.12 1.61 -14.32
CA PHE B 88 9.92 0.63 -15.41
C PHE B 88 10.70 -0.63 -15.05
N CYS B 89 10.27 -1.74 -15.64
N CYS B 89 10.26 -1.77 -15.60
CA CYS B 89 10.93 -3.06 -15.55
CA CYS B 89 10.99 -3.05 -15.52
C CYS B 89 11.19 -3.59 -16.96
C CYS B 89 11.17 -3.62 -16.92
N THR B 90 12.26 -4.37 -17.10
CA THR B 90 12.50 -5.21 -18.28
C THR B 90 13.16 -6.50 -17.80
N ASP B 91 12.90 -7.60 -18.51
CA ASP B 91 13.54 -8.91 -18.24
C ASP B 91 14.55 -9.18 -19.36
N SER B 92 14.06 -9.25 -20.60
CA SER B 92 14.88 -9.42 -21.83
C SER B 92 15.73 -8.17 -22.04
N ILE B 93 17.03 -8.36 -22.23
CA ILE B 93 17.99 -7.27 -22.53
C ILE B 93 18.80 -7.65 -23.77
N GLN B 94 19.32 -6.65 -24.46
CA GLN B 94 20.21 -6.81 -25.63
C GLN B 94 21.62 -6.42 -25.18
N GLY B 95 22.52 -7.41 -25.16
CA GLY B 95 23.96 -7.23 -24.87
C GLY B 95 24.33 -7.53 -23.42
N THR B 96 25.56 -7.18 -23.06
CA THR B 96 26.20 -7.39 -21.73
C THR B 96 26.32 -6.04 -21.05
N PRO B 97 26.04 -5.89 -19.73
CA PRO B 97 26.20 -4.59 -19.08
C PRO B 97 27.66 -4.15 -19.11
N VAL B 98 27.89 -2.84 -19.19
CA VAL B 98 29.21 -2.17 -19.32
C VAL B 98 29.33 -1.16 -18.18
N GLU B 99 30.48 -1.09 -17.50
N GLU B 99 30.49 -1.08 -17.52
CA GLU B 99 30.78 -0.03 -16.50
CA GLU B 99 30.80 -0.04 -16.49
C GLU B 99 30.96 1.30 -17.23
C GLU B 99 31.03 1.31 -17.17
N SER B 100 30.28 2.35 -16.75
CA SER B 100 30.35 3.73 -17.29
C SER B 100 31.05 4.62 -16.28
N ASP B 101 31.16 5.93 -16.55
CA ASP B 101 31.70 6.92 -15.59
C ASP B 101 30.78 6.95 -14.37
N GLU B 102 29.48 7.13 -14.61
CA GLU B 102 28.43 7.29 -13.57
C GLU B 102 28.34 6.01 -12.70
N MET B 103 28.48 4.82 -13.29
N MET B 103 28.46 4.82 -13.29
CA MET B 103 27.83 3.59 -12.76
CA MET B 103 27.82 3.58 -12.78
C MET B 103 28.64 2.32 -13.04
C MET B 103 28.65 2.33 -13.04
N ARG B 104 28.76 1.45 -12.03
CA ARG B 104 29.26 0.07 -12.18
C ARG B 104 28.12 -0.92 -12.00
N PRO B 105 27.58 -1.50 -13.10
CA PRO B 105 26.54 -2.51 -13.04
C PRO B 105 27.04 -3.82 -12.42
N CYS B 106 26.15 -4.48 -11.68
CA CYS B 106 26.40 -5.79 -11.05
CA CYS B 106 26.39 -5.78 -11.02
C CYS B 106 25.06 -6.53 -10.87
N TRP B 107 25.06 -7.83 -11.17
CA TRP B 107 23.89 -8.71 -10.92
C TRP B 107 23.85 -9.09 -9.43
N PHE B 108 22.65 -9.12 -8.86
CA PHE B 108 22.38 -9.70 -7.52
C PHE B 108 21.32 -10.78 -7.63
N GLN B 109 21.57 -11.94 -7.02
CA GLN B 109 20.48 -12.94 -6.81
C GLN B 109 19.41 -12.28 -5.94
N LEU B 110 18.14 -12.68 -6.09
CA LEU B 110 17.06 -11.96 -5.37
C LEU B 110 17.18 -12.18 -3.85
N ASP B 111 17.86 -13.22 -3.37
CA ASP B 111 18.04 -13.39 -1.91
C ASP B 111 19.25 -12.59 -1.39
N GLN B 112 19.90 -11.78 -2.23
CA GLN B 112 21.13 -11.03 -1.83
C GLN B 112 21.02 -9.57 -2.26
N ILE B 113 19.80 -9.06 -2.38
CA ILE B 113 19.58 -7.63 -2.78
C ILE B 113 20.23 -6.79 -1.69
N PRO B 114 21.17 -5.88 -2.03
CA PRO B 114 21.97 -5.21 -1.01
C PRO B 114 21.28 -4.00 -0.35
N PHE B 115 20.15 -4.24 0.35
CA PHE B 115 19.29 -3.15 0.90
C PHE B 115 20.10 -2.20 1.80
N LYS B 116 21.09 -2.66 2.56
CA LYS B 116 21.79 -1.74 3.51
C LYS B 116 22.63 -0.72 2.75
N ASP B 117 22.99 -1.02 1.49
CA ASP B 117 23.78 -0.13 0.60
C ASP B 117 22.87 0.38 -0.53
N MET B 118 21.59 0.54 -0.24
CA MET B 118 20.57 1.11 -1.17
C MET B 118 19.82 2.23 -0.47
N TRP B 119 19.17 3.09 -1.25
CA TRP B 119 18.21 4.09 -0.75
C TRP B 119 17.22 3.39 0.18
N PRO B 120 16.93 3.98 1.36
CA PRO B 120 16.08 3.33 2.35
C PRO B 120 14.66 3.03 1.86
N ASP B 121 14.13 3.77 0.89
CA ASP B 121 12.75 3.52 0.37
C ASP B 121 12.69 2.14 -0.31
N ASP B 122 13.81 1.62 -0.82
CA ASP B 122 13.79 0.43 -1.71
C ASP B 122 13.14 -0.77 -0.98
N SER B 123 13.40 -0.96 0.30
CA SER B 123 12.88 -2.14 1.05
C SER B 123 11.35 -2.09 1.12
N TYR B 124 10.76 -0.89 1.08
CA TYR B 124 9.29 -0.72 1.16
C TYR B 124 8.62 -1.22 -0.11
N TRP B 125 9.11 -0.86 -1.30
CA TRP B 125 8.35 -1.11 -2.55
C TRP B 125 8.91 -2.32 -3.31
N PHE B 126 10.10 -2.79 -2.97
CA PHE B 126 10.68 -3.98 -3.63
C PHE B 126 9.74 -5.18 -3.59
N PRO B 127 9.07 -5.54 -2.48
CA PRO B 127 8.23 -6.74 -2.48
C PRO B 127 7.16 -6.69 -3.61
N LEU B 128 6.53 -5.54 -3.79
CA LEU B 128 5.49 -5.40 -4.85
C LEU B 128 6.15 -5.55 -6.23
N LEU B 129 7.32 -4.94 -6.43
CA LEU B 129 8.07 -5.10 -7.69
C LEU B 129 8.32 -6.60 -7.94
N LEU B 130 8.82 -7.30 -6.93
CA LEU B 130 9.24 -8.72 -7.12
C LEU B 130 8.01 -9.58 -7.38
N GLN B 131 6.82 -9.14 -6.94
CA GLN B 131 5.56 -9.89 -7.13
C GLN B 131 4.86 -9.46 -8.42
N LYS B 132 5.52 -8.61 -9.23
CA LYS B 132 4.99 -8.13 -10.54
C LYS B 132 3.68 -7.39 -10.31
N LYS B 133 3.62 -6.59 -9.24
CA LYS B 133 2.49 -5.68 -8.94
C LYS B 133 2.91 -4.24 -9.27
N LYS B 134 1.90 -3.42 -9.53
CA LYS B 134 2.10 -2.01 -9.88
C LYS B 134 1.76 -1.17 -8.65
N PHE B 135 2.40 0.00 -8.50
CA PHE B 135 2.27 0.78 -7.26
C PHE B 135 2.47 2.27 -7.53
N HIS B 136 1.91 3.05 -6.62
CA HIS B 136 2.20 4.48 -6.40
C HIS B 136 2.78 4.63 -5.00
N GLY B 137 3.98 5.18 -4.94
CA GLY B 137 4.66 5.50 -3.68
C GLY B 137 4.85 6.99 -3.50
N TYR B 138 4.97 7.40 -2.24
CA TYR B 138 5.42 8.74 -1.83
C TYR B 138 6.34 8.60 -0.62
N PHE B 139 7.52 9.21 -0.69
CA PHE B 139 8.49 9.21 0.43
C PHE B 139 8.94 10.63 0.67
N LYS B 140 8.85 11.07 1.92
CA LYS B 140 9.39 12.37 2.35
C LYS B 140 10.68 12.11 3.11
N PHE B 141 11.79 12.64 2.60
CA PHE B 141 13.15 12.46 3.15
C PHE B 141 13.61 13.72 3.89
N GLN B 142 14.32 13.50 4.98
CA GLN B 142 15.21 14.50 5.64
C GLN B 142 16.65 14.06 5.41
N GLY B 143 17.34 14.68 4.45
CA GLY B 143 18.64 14.19 3.97
C GLY B 143 18.51 12.82 3.35
N GLN B 144 19.62 12.08 3.23
CA GLN B 144 19.73 10.89 2.34
C GLN B 144 19.33 9.62 3.11
N ASP B 145 19.18 9.67 4.43
CA ASP B 145 19.06 8.42 5.25
C ASP B 145 17.69 8.30 5.92
N THR B 146 16.94 9.39 6.07
CA THR B 146 15.77 9.43 6.98
C THR B 146 14.49 9.61 6.18
N ILE B 147 13.62 8.61 6.21
CA ILE B 147 12.22 8.74 5.72
C ILE B 147 11.36 9.24 6.88
N LEU B 148 10.78 10.43 6.76
CA LEU B 148 9.91 11.00 7.82
C LEU B 148 8.50 10.45 7.69
N ASP B 149 8.00 10.29 6.46
CA ASP B 149 6.70 9.63 6.23
C ASP B 149 6.63 9.14 4.79
N TYR B 150 5.60 8.36 4.49
CA TYR B 150 5.52 7.63 3.21
C TYR B 150 4.11 7.08 3.04
N THR B 151 3.74 6.87 1.80
CA THR B 151 2.56 6.07 1.41
C THR B 151 2.99 5.09 0.34
N LEU B 152 2.32 3.95 0.32
CA LEU B 152 2.54 2.98 -0.76
C LEU B 152 1.24 2.22 -1.01
N ARG B 153 0.77 2.27 -2.25
CA ARG B 153 -0.55 1.74 -2.63
C ARG B 153 -0.35 0.92 -3.89
N GLU B 154 -0.79 -0.34 -3.90
CA GLU B 154 -0.91 -1.11 -5.16
C GLU B 154 -1.97 -0.47 -6.04
N VAL B 155 -1.68 -0.34 -7.33
CA VAL B 155 -2.58 0.32 -8.31
C VAL B 155 -2.83 -0.63 -9.47
N ASP B 156 -3.92 -0.37 -10.18
CA ASP B 156 -4.26 -1.10 -11.42
C ASP B 156 -3.74 -0.30 -12.61
N THR B 157 -3.73 1.03 -12.50
CA THR B 157 -3.19 1.92 -13.57
C THR B 157 -1.99 2.68 -13.02
N VAL B 158 -0.81 2.51 -13.63
CA VAL B 158 0.39 3.31 -13.22
C VAL B 158 0.16 4.77 -13.64
#